data_2RL8
#
_entry.id   2RL8
#
_cell.length_a   91.659
_cell.length_b   91.659
_cell.length_c   85.079
_cell.angle_alpha   90.000
_cell.angle_beta   90.000
_cell.angle_gamma   90.000
#
_symmetry.space_group_name_H-M   'P 43 21 2'
#
loop_
_entity.id
_entity.type
_entity.pdbx_description
1 polymer 'Cation-dependent mannose-6-phosphate receptor'
2 non-polymer 2-acetamido-2-deoxy-beta-D-glucopyranose
3 non-polymer 'MANGANESE (II) ION'
4 non-polymer 6-O-phosphono-beta-D-mannopyranose
5 water water
#
_entity_poly.entity_id   1
_entity_poly.type   'polypeptide(L)'
_entity_poly.pdbx_seq_one_letter_code
;TEEKTCDLVGEKGKESEKELALLKRLTPLFQKSFESTVGQSPDMYSYVFRVCREAGQHSSGAGLVQIQKSNGKETVVGRF
NETQIFQGSNWIMLIYKGGDEYDNHCGREQRRAVVMISCNRHTLADNFNPVSEERGKVQDCFYLFEMDSSLACS
;
_entity_poly.pdbx_strand_id   A,B
#
loop_
_chem_comp.id
_chem_comp.type
_chem_comp.name
_chem_comp.formula
M6D D-saccharide, beta linking 6-O-phosphono-beta-D-mannopyranose 'C6 H13 O9 P'
MN non-polymer 'MANGANESE (II) ION' 'Mn 2'
NAG D-saccharide, beta linking 2-acetamido-2-deoxy-beta-D-glucopyranose 'C8 H15 N O6'
#
# COMPACT_ATOMS: atom_id res chain seq x y z
N LYS A 4 11.88 -22.85 -3.22
CA LYS A 4 11.07 -21.90 -2.42
C LYS A 4 10.58 -20.73 -3.25
N THR A 5 9.39 -20.24 -2.91
CA THR A 5 8.78 -19.10 -3.62
C THR A 5 8.26 -18.12 -2.58
N CYS A 6 7.46 -17.15 -3.04
CA CYS A 6 6.89 -16.17 -2.12
C CYS A 6 5.94 -16.85 -1.14
N ASP A 7 6.06 -16.50 0.13
CA ASP A 7 5.17 -17.05 1.15
C ASP A 7 4.22 -15.95 1.60
N LEU A 8 2.93 -16.24 1.56
CA LEU A 8 1.90 -15.28 1.95
C LEU A 8 1.44 -15.58 3.37
N VAL A 9 0.72 -14.65 3.99
CA VAL A 9 0.25 -14.89 5.36
C VAL A 9 -0.78 -16.02 5.36
N GLY A 10 -0.76 -16.81 6.43
CA GLY A 10 -1.68 -17.92 6.56
C GLY A 10 -0.93 -19.23 6.42
N GLU A 11 -1.60 -20.34 6.75
CA GLU A 11 -0.97 -21.65 6.64
C GLU A 11 -0.82 -22.04 5.18
N LYS A 12 0.19 -22.85 4.87
CA LYS A 12 0.43 -23.28 3.51
C LYS A 12 -0.82 -23.94 2.92
N GLY A 13 -1.21 -23.50 1.73
CA GLY A 13 -2.38 -24.05 1.08
C GLY A 13 -3.69 -23.43 1.53
N LYS A 14 -3.61 -22.45 2.43
CA LYS A 14 -4.81 -21.79 2.94
C LYS A 14 -4.73 -20.27 2.81
N GLU A 15 -3.83 -19.80 1.94
CA GLU A 15 -3.65 -18.38 1.73
C GLU A 15 -4.74 -17.75 0.87
N SER A 16 -4.77 -16.43 0.84
CA SER A 16 -5.77 -15.69 0.07
C SER A 16 -5.75 -16.09 -1.40
N GLU A 17 -6.91 -16.45 -1.93
CA GLU A 17 -7.00 -16.84 -3.33
C GLU A 17 -6.63 -15.65 -4.23
N LYS A 18 -6.93 -14.44 -3.76
CA LYS A 18 -6.62 -13.24 -4.53
C LYS A 18 -5.10 -13.10 -4.67
N GLU A 19 -4.39 -13.27 -3.56
CA GLU A 19 -2.94 -13.15 -3.57
C GLU A 19 -2.29 -14.27 -4.38
N LEU A 20 -2.78 -15.50 -4.21
CA LEU A 20 -2.23 -16.63 -4.95
C LEU A 20 -2.39 -16.43 -6.46
N ALA A 21 -3.52 -15.86 -6.87
CA ALA A 21 -3.76 -15.62 -8.29
C ALA A 21 -2.76 -14.61 -8.86
N LEU A 22 -2.42 -13.60 -8.07
CA LEU A 22 -1.48 -12.58 -8.52
C LEU A 22 -0.06 -13.16 -8.62
N LEU A 23 0.30 -14.05 -7.70
CA LEU A 23 1.63 -14.65 -7.76
C LEU A 23 1.71 -15.49 -9.03
N LYS A 24 0.61 -16.16 -9.36
CA LYS A 24 0.57 -16.99 -10.56
C LYS A 24 0.74 -16.11 -11.80
N ARG A 25 0.10 -14.94 -11.79
CA ARG A 25 0.20 -14.02 -12.92
C ARG A 25 1.63 -13.52 -13.13
N LEU A 26 2.37 -13.34 -12.05
CA LEU A 26 3.74 -12.83 -12.14
C LEU A 26 4.80 -13.91 -12.35
N THR A 27 4.38 -15.16 -12.46
CA THR A 27 5.32 -16.27 -12.65
C THR A 27 6.36 -16.02 -13.74
N PRO A 28 5.97 -15.42 -14.87
CA PRO A 28 6.94 -15.17 -15.93
C PRO A 28 8.09 -14.24 -15.55
N LEU A 29 7.98 -13.57 -14.40
CA LEU A 29 9.03 -12.66 -13.95
C LEU A 29 10.00 -13.29 -12.94
N PHE A 30 9.66 -14.44 -12.40
CA PHE A 30 10.50 -15.11 -11.41
C PHE A 30 11.96 -15.28 -11.85
N GLN A 31 12.15 -15.70 -13.10
CA GLN A 31 13.49 -15.93 -13.63
C GLN A 31 14.31 -14.66 -13.86
N LYS A 32 13.66 -13.51 -13.81
CA LYS A 32 14.34 -12.24 -14.05
C LYS A 32 14.99 -11.62 -12.81
N SER A 33 15.82 -10.62 -13.07
CA SER A 33 16.52 -9.87 -12.04
C SER A 33 16.38 -8.40 -12.43
N PHE A 34 16.14 -7.53 -11.45
CA PHE A 34 15.99 -6.11 -11.73
C PHE A 34 16.96 -5.30 -10.89
N GLU A 35 17.60 -4.31 -11.51
CA GLU A 35 18.58 -3.50 -10.81
C GLU A 35 18.36 -2.02 -11.07
N SER A 36 18.57 -1.21 -10.04
CA SER A 36 18.38 0.24 -10.16
C SER A 36 19.43 0.85 -11.09
N THR A 37 19.11 2.03 -11.63
CA THR A 37 20.02 2.71 -12.54
C THR A 37 20.54 4.03 -11.99
N VAL A 38 21.10 4.85 -12.87
CA VAL A 38 21.68 6.17 -12.57
C VAL A 38 23.19 6.07 -12.40
N GLY A 39 23.70 4.83 -12.39
CA GLY A 39 25.13 4.62 -12.25
C GLY A 39 25.59 4.63 -10.81
N ASP A 43 23.83 9.05 -5.35
CA ASP A 43 23.93 7.60 -5.48
C ASP A 43 24.28 6.95 -4.13
N MET A 44 25.39 6.22 -4.10
CA MET A 44 25.87 5.54 -2.91
C MET A 44 25.34 4.11 -2.79
N TYR A 45 24.08 3.90 -3.15
CA TYR A 45 23.48 2.56 -3.08
C TYR A 45 22.92 2.09 -4.41
N SER A 46 22.92 0.78 -4.59
CA SER A 46 22.36 0.14 -5.76
C SER A 46 21.31 -0.81 -5.16
N TYR A 47 20.26 -1.13 -5.91
CA TYR A 47 19.23 -2.03 -5.41
C TYR A 47 18.97 -3.15 -6.41
N VAL A 48 18.78 -4.36 -5.91
CA VAL A 48 18.50 -5.51 -6.76
C VAL A 48 17.21 -6.13 -6.26
N PHE A 49 16.28 -6.36 -7.19
CA PHE A 49 14.97 -6.89 -6.86
C PHE A 49 14.59 -8.09 -7.71
N ARG A 50 13.99 -9.08 -7.06
CA ARG A 50 13.51 -10.26 -7.77
C ARG A 50 12.14 -10.62 -7.22
N VAL A 51 11.33 -11.26 -8.07
CA VAL A 51 10.00 -11.68 -7.68
C VAL A 51 10.02 -13.15 -7.25
N CYS A 52 9.81 -13.36 -5.95
CA CYS A 52 9.76 -14.70 -5.33
C CYS A 52 11.03 -15.54 -5.47
N ARG A 53 12.16 -14.87 -5.62
CA ARG A 53 13.44 -15.56 -5.75
C ARG A 53 14.53 -14.76 -5.05
N GLU A 54 15.59 -15.47 -4.65
CA GLU A 54 16.72 -14.85 -3.96
C GLU A 54 17.37 -13.75 -4.79
N ALA A 55 17.40 -12.53 -4.25
CA ALA A 55 17.99 -11.39 -4.93
C ALA A 55 19.39 -11.05 -4.42
N GLY A 56 19.74 -11.61 -3.28
CA GLY A 56 21.05 -11.37 -2.69
C GLY A 56 22.06 -12.45 -2.98
N GLN A 57 23.28 -12.26 -2.49
CA GLN A 57 24.35 -13.23 -2.72
C GLN A 57 24.83 -13.90 -1.44
N HIS A 58 24.02 -13.83 -0.39
CA HIS A 58 24.41 -14.43 0.89
C HIS A 58 23.41 -15.45 1.42
N SER A 59 22.57 -15.98 0.54
CA SER A 59 21.56 -16.98 0.90
C SER A 59 20.73 -16.55 2.10
N SER A 60 20.37 -15.27 2.13
CA SER A 60 19.59 -14.72 3.23
C SER A 60 18.07 -14.73 3.00
N GLY A 61 17.65 -15.16 1.82
CA GLY A 61 16.22 -15.19 1.51
C GLY A 61 15.68 -13.83 1.12
N ALA A 62 16.56 -12.96 0.63
CA ALA A 62 16.16 -11.62 0.25
C ALA A 62 15.39 -11.55 -1.07
N GLY A 63 14.36 -10.71 -1.08
CA GLY A 63 13.57 -10.49 -2.27
C GLY A 63 14.06 -9.17 -2.88
N LEU A 64 14.68 -8.33 -2.04
CA LEU A 64 15.21 -7.05 -2.50
C LEU A 64 16.36 -6.67 -1.59
N VAL A 65 17.50 -6.33 -2.18
CA VAL A 65 18.67 -5.94 -1.41
C VAL A 65 19.19 -4.57 -1.80
N GLN A 66 19.90 -3.97 -0.86
CA GLN A 66 20.51 -2.67 -1.04
C GLN A 66 22.01 -2.91 -0.91
N ILE A 67 22.77 -2.51 -1.92
CA ILE A 67 24.21 -2.69 -1.89
C ILE A 67 24.93 -1.36 -1.82
N GLN A 68 25.74 -1.16 -0.79
CA GLN A 68 26.51 0.07 -0.66
C GLN A 68 27.69 -0.07 -1.61
N LYS A 69 27.79 0.84 -2.57
CA LYS A 69 28.84 0.79 -3.57
C LYS A 69 30.28 0.85 -3.07
N SER A 70 30.55 1.67 -2.06
CA SER A 70 31.91 1.82 -1.56
C SER A 70 32.53 0.64 -0.82
N ASN A 71 31.70 -0.18 -0.16
CA ASN A 71 32.26 -1.31 0.59
C ASN A 71 31.61 -2.66 0.31
N GLY A 72 30.68 -2.69 -0.64
CA GLY A 72 30.02 -3.94 -1.00
C GLY A 72 29.01 -4.49 -0.01
N LYS A 73 28.70 -3.73 1.03
CA LYS A 73 27.74 -4.18 2.04
C LYS A 73 26.36 -4.44 1.46
N GLU A 74 25.86 -5.66 1.64
CA GLU A 74 24.53 -6.01 1.15
C GLU A 74 23.56 -6.05 2.33
N THR A 75 22.56 -5.18 2.28
CA THR A 75 21.55 -5.10 3.32
C THR A 75 20.24 -5.63 2.76
N VAL A 76 19.59 -6.51 3.50
CA VAL A 76 18.31 -7.07 3.05
C VAL A 76 17.19 -6.09 3.35
N VAL A 77 16.52 -5.62 2.30
CA VAL A 77 15.42 -4.67 2.49
C VAL A 77 14.11 -5.40 2.80
N GLY A 78 13.93 -6.55 2.16
CA GLY A 78 12.73 -7.34 2.40
C GLY A 78 12.96 -8.78 1.97
N ARG A 79 12.29 -9.71 2.65
CA ARG A 79 12.41 -11.14 2.34
C ARG A 79 11.14 -11.67 1.69
N PHE A 80 11.28 -12.51 0.67
CA PHE A 80 10.09 -13.02 0.00
C PHE A 80 9.28 -14.06 0.78
N ASN A 81 9.77 -14.46 1.95
CA ASN A 81 9.03 -15.41 2.77
C ASN A 81 7.98 -14.63 3.59
N GLU A 82 7.94 -13.32 3.37
CA GLU A 82 6.98 -12.42 4.02
C GLU A 82 6.43 -11.48 2.95
N THR A 83 5.70 -12.07 2.01
CA THR A 83 5.13 -11.35 0.87
C THR A 83 3.65 -11.01 0.98
N GLN A 84 3.30 -9.83 0.47
CA GLN A 84 1.91 -9.39 0.38
C GLN A 84 1.79 -8.85 -1.03
N ILE A 85 0.68 -9.12 -1.69
CA ILE A 85 0.51 -8.64 -3.06
C ILE A 85 -0.96 -8.39 -3.37
N PHE A 86 -1.25 -7.23 -3.95
CA PHE A 86 -2.62 -6.89 -4.31
C PHE A 86 -2.64 -6.01 -5.55
N GLN A 87 -3.81 -5.90 -6.18
CA GLN A 87 -3.93 -5.13 -7.40
C GLN A 87 -5.10 -4.17 -7.45
N GLY A 88 -4.96 -3.20 -8.34
CA GLY A 88 -5.99 -2.22 -8.59
C GLY A 88 -6.25 -2.30 -10.08
N SER A 89 -6.90 -1.29 -10.64
CA SER A 89 -7.20 -1.29 -12.06
C SER A 89 -5.99 -1.57 -12.96
N ASN A 90 -5.00 -0.68 -12.93
CA ASN A 90 -3.83 -0.84 -13.77
C ASN A 90 -2.50 -0.85 -13.00
N TRP A 91 -2.51 -1.47 -11.83
CA TRP A 91 -1.30 -1.55 -11.01
C TRP A 91 -1.33 -2.74 -10.05
N ILE A 92 -0.15 -3.10 -9.57
CA ILE A 92 0.00 -4.19 -8.61
C ILE A 92 1.00 -3.71 -7.57
N MET A 93 0.69 -3.91 -6.30
CA MET A 93 1.60 -3.53 -5.24
C MET A 93 2.15 -4.82 -4.62
N LEU A 94 3.46 -4.90 -4.51
CA LEU A 94 4.12 -6.06 -3.93
C LEU A 94 4.91 -5.55 -2.73
N ILE A 95 4.78 -6.25 -1.60
CA ILE A 95 5.47 -5.86 -0.39
C ILE A 95 6.23 -7.03 0.22
N TYR A 96 7.49 -6.79 0.57
CA TYR A 96 8.32 -7.80 1.22
C TYR A 96 8.70 -7.23 2.58
N LYS A 97 8.28 -7.90 3.65
CA LYS A 97 8.62 -7.47 5.00
C LYS A 97 9.79 -8.31 5.47
N GLY A 98 10.14 -8.20 6.74
CA GLY A 98 11.22 -9.01 7.28
C GLY A 98 12.66 -8.71 6.88
N GLY A 99 12.94 -7.48 6.50
CA GLY A 99 14.30 -7.12 6.13
C GLY A 99 15.16 -6.95 7.37
N ASP A 100 16.43 -6.64 7.18
CA ASP A 100 17.32 -6.44 8.32
C ASP A 100 16.82 -5.28 9.17
N GLU A 101 17.02 -5.38 10.48
CA GLU A 101 16.58 -4.34 11.40
C GLU A 101 17.42 -3.06 11.37
N TYR A 102 16.75 -1.94 11.58
CA TYR A 102 17.40 -0.64 11.65
C TYR A 102 18.07 -0.61 13.02
N ASP A 103 19.09 0.22 13.19
CA ASP A 103 19.76 0.32 14.47
C ASP A 103 19.48 1.65 15.17
N ASN A 104 19.12 2.67 14.40
CA ASN A 104 18.87 4.00 14.96
C ASN A 104 17.65 4.73 14.41
N HIS A 105 16.81 4.01 13.67
CA HIS A 105 15.60 4.59 13.11
C HIS A 105 14.44 3.62 13.25
N CYS A 106 13.25 4.17 13.09
CA CYS A 106 12.03 3.35 13.07
C CYS A 106 11.84 2.36 14.21
N GLY A 107 12.21 2.75 15.43
CA GLY A 107 12.05 1.86 16.56
C GLY A 107 12.77 0.53 16.38
N ARG A 108 13.84 0.54 15.58
CA ARG A 108 14.65 -0.64 15.31
C ARG A 108 13.86 -1.78 14.68
N GLU A 109 12.82 -1.45 13.93
CA GLU A 109 12.02 -2.46 13.26
C GLU A 109 12.73 -3.03 12.03
N GLN A 110 12.20 -4.12 11.52
CA GLN A 110 12.74 -4.75 10.33
C GLN A 110 12.42 -3.90 9.11
N ARG A 111 13.36 -3.82 8.18
CA ARG A 111 13.14 -3.03 6.96
C ARG A 111 12.03 -3.68 6.15
N ARG A 112 11.45 -2.89 5.24
CA ARG A 112 10.38 -3.36 4.39
C ARG A 112 10.51 -2.74 3.00
N ALA A 113 10.16 -3.52 1.98
CA ALA A 113 10.22 -3.05 0.60
C ALA A 113 8.82 -3.01 0.02
N VAL A 114 8.47 -1.87 -0.58
CA VAL A 114 7.17 -1.69 -1.21
C VAL A 114 7.44 -1.39 -2.67
N VAL A 115 6.92 -2.23 -3.56
CA VAL A 115 7.13 -2.05 -5.00
C VAL A 115 5.81 -1.83 -5.73
N MET A 116 5.70 -0.67 -6.37
CA MET A 116 4.51 -0.32 -7.13
C MET A 116 4.77 -0.66 -8.59
N ILE A 117 4.03 -1.63 -9.11
CA ILE A 117 4.19 -2.06 -10.50
C ILE A 117 3.06 -1.45 -11.33
N SER A 118 3.42 -0.58 -12.27
CA SER A 118 2.44 0.08 -13.12
C SER A 118 2.33 -0.56 -14.49
N CYS A 119 1.14 -0.49 -15.08
CA CYS A 119 0.90 -1.07 -16.39
C CYS A 119 1.67 -0.37 -17.51
N ASN A 120 2.27 -1.18 -18.37
CA ASN A 120 3.02 -0.67 -19.52
C ASN A 120 2.94 -1.77 -20.58
N ARG A 121 2.11 -1.54 -21.59
CA ARG A 121 1.89 -2.50 -22.67
C ARG A 121 3.13 -2.80 -23.52
N HIS A 122 4.15 -1.96 -23.42
CA HIS A 122 5.36 -2.13 -24.23
C HIS A 122 6.47 -2.99 -23.65
N THR A 123 6.32 -3.44 -22.42
CA THR A 123 7.36 -4.26 -21.81
C THR A 123 6.82 -5.26 -20.80
N LEU A 124 7.46 -6.43 -20.72
CA LEU A 124 7.04 -7.45 -19.77
C LEU A 124 7.44 -6.97 -18.38
N ALA A 125 8.51 -6.19 -18.31
CA ALA A 125 9.01 -5.65 -17.06
C ALA A 125 10.28 -4.85 -17.26
N ASP A 126 10.29 -3.62 -16.75
CA ASP A 126 11.46 -2.76 -16.84
C ASP A 126 11.27 -1.48 -16.04
N ASN A 127 12.24 -0.58 -16.13
CA ASN A 127 12.19 0.69 -15.42
C ASN A 127 12.12 0.59 -13.91
N PHE A 128 12.78 -0.42 -13.34
CA PHE A 128 12.82 -0.59 -11.89
C PHE A 128 13.75 0.45 -11.29
N ASN A 129 13.26 1.15 -10.27
CA ASN A 129 14.08 2.14 -9.58
C ASN A 129 13.51 2.56 -8.24
N PRO A 130 14.37 2.98 -7.32
CA PRO A 130 13.90 3.41 -6.01
C PRO A 130 13.26 4.78 -6.12
N VAL A 131 12.26 5.03 -5.30
CA VAL A 131 11.58 6.32 -5.28
C VAL A 131 12.13 7.06 -4.07
N SER A 132 12.08 6.43 -2.91
CA SER A 132 12.58 7.04 -1.68
C SER A 132 12.55 6.05 -0.54
N GLU A 133 13.16 6.44 0.57
CA GLU A 133 13.16 5.63 1.78
C GLU A 133 12.54 6.48 2.86
N GLU A 134 11.53 5.93 3.51
CA GLU A 134 10.87 6.62 4.61
C GLU A 134 11.46 5.98 5.87
N ARG A 135 12.33 6.72 6.55
CA ARG A 135 12.95 6.22 7.77
C ARG A 135 12.78 7.23 8.89
N GLY A 136 11.83 8.15 8.72
CA GLY A 136 11.61 9.18 9.71
C GLY A 136 10.41 9.00 10.63
N LYS A 137 9.82 7.81 10.63
CA LYS A 137 8.66 7.54 11.47
C LYS A 137 9.05 6.68 12.66
N VAL A 138 8.18 6.64 13.67
CA VAL A 138 8.45 5.84 14.86
C VAL A 138 8.18 4.36 14.57
N GLN A 139 7.45 4.11 13.49
CA GLN A 139 7.11 2.75 13.07
C GLN A 139 6.55 2.79 11.65
N ASP A 140 6.44 1.63 11.03
CA ASP A 140 5.90 1.52 9.68
C ASP A 140 6.69 2.27 8.62
N CYS A 141 8.01 2.15 8.70
CA CYS A 141 8.89 2.76 7.73
C CYS A 141 8.95 1.83 6.54
N PHE A 142 9.57 2.28 5.45
CA PHE A 142 9.67 1.45 4.26
C PHE A 142 10.49 2.08 3.16
N TYR A 143 10.97 1.23 2.25
CA TYR A 143 11.69 1.66 1.07
C TYR A 143 10.66 1.50 -0.06
N LEU A 144 10.49 2.54 -0.86
CA LEU A 144 9.53 2.51 -1.96
C LEU A 144 10.21 2.46 -3.31
N PHE A 145 9.71 1.60 -4.19
CA PHE A 145 10.25 1.41 -5.54
C PHE A 145 9.12 1.36 -6.56
N GLU A 146 9.45 1.59 -7.81
CA GLU A 146 8.48 1.52 -8.90
C GLU A 146 9.06 0.74 -10.06
N MET A 147 8.18 0.09 -10.82
CA MET A 147 8.59 -0.68 -11.99
C MET A 147 7.40 -0.74 -12.94
N ASP A 148 7.66 -0.99 -14.22
CA ASP A 148 6.61 -1.10 -15.22
C ASP A 148 6.50 -2.55 -15.69
N SER A 149 5.28 -2.97 -16.03
CA SER A 149 5.06 -4.34 -16.50
C SER A 149 3.69 -4.49 -17.17
N SER A 150 3.67 -5.17 -18.31
CA SER A 150 2.42 -5.39 -19.03
C SER A 150 1.52 -6.31 -18.22
N LEU A 151 2.10 -7.03 -17.27
CA LEU A 151 1.34 -7.95 -16.44
C LEU A 151 0.44 -7.21 -15.45
N ALA A 152 0.69 -5.91 -15.29
CA ALA A 152 -0.10 -5.09 -14.38
C ALA A 152 -1.29 -4.47 -15.09
N CYS A 153 -1.34 -4.61 -16.41
CA CYS A 153 -2.44 -4.05 -17.19
C CYS A 153 -3.71 -4.87 -17.05
N SER A 154 -4.84 -4.27 -17.42
CA SER A 154 -6.14 -4.94 -17.35
C SER A 154 -6.93 -4.70 -18.62
N LYS B 4 -10.72 18.92 13.94
CA LYS B 4 -9.86 17.72 13.90
C LYS B 4 -9.42 17.42 12.47
N THR B 5 -8.22 16.86 12.32
CA THR B 5 -7.68 16.52 11.01
C THR B 5 -6.95 15.18 11.09
N CYS B 6 -6.32 14.77 9.99
CA CYS B 6 -5.59 13.50 9.98
C CYS B 6 -4.49 13.48 11.02
N ASP B 7 -4.35 12.33 11.69
CA ASP B 7 -3.31 12.16 12.69
C ASP B 7 -2.35 11.09 12.16
N LEU B 8 -1.08 11.44 12.06
CA LEU B 8 -0.05 10.54 11.56
C LEU B 8 0.58 9.79 12.73
N VAL B 9 1.21 8.65 12.47
CA VAL B 9 1.82 7.88 13.55
C VAL B 9 2.95 8.68 14.19
N GLY B 10 3.08 8.55 15.51
CA GLY B 10 4.11 9.28 16.23
C GLY B 10 3.57 10.49 16.94
N GLU B 11 4.08 10.78 18.12
CA GLU B 11 3.64 11.92 18.90
C GLU B 11 4.01 13.21 18.16
N LYS B 12 3.40 14.32 18.56
CA LYS B 12 3.69 15.61 17.93
C LYS B 12 5.18 15.88 17.98
N GLY B 13 5.77 16.17 16.81
CA GLY B 13 7.19 16.45 16.75
C GLY B 13 7.99 15.23 16.34
N LYS B 14 7.35 14.06 16.31
CA LYS B 14 8.03 12.83 15.93
C LYS B 14 7.39 12.22 14.68
N GLU B 15 6.60 13.02 13.98
CA GLU B 15 5.94 12.56 12.76
C GLU B 15 6.83 12.75 11.55
N SER B 16 6.60 11.94 10.53
CA SER B 16 7.36 11.99 9.28
C SER B 16 7.28 13.34 8.57
N GLU B 17 8.44 13.87 8.19
CA GLU B 17 8.49 15.12 7.45
C GLU B 17 7.82 14.94 6.09
N LYS B 18 8.00 13.76 5.50
CA LYS B 18 7.39 13.47 4.20
C LYS B 18 5.88 13.43 4.32
N GLU B 19 5.38 12.76 5.36
CA GLU B 19 3.94 12.67 5.55
C GLU B 19 3.34 14.03 5.87
N LEU B 20 4.04 14.82 6.68
CA LEU B 20 3.55 16.14 7.04
C LEU B 20 3.40 17.01 5.80
N ALA B 21 4.39 16.95 4.92
CA ALA B 21 4.35 17.75 3.69
C ALA B 21 3.22 17.29 2.78
N LEU B 22 3.03 15.97 2.69
CA LEU B 22 1.98 15.42 1.84
C LEU B 22 0.62 15.81 2.40
N LEU B 23 0.50 15.80 3.72
CA LEU B 23 -0.74 16.18 4.37
C LEU B 23 -1.11 17.61 3.99
N LYS B 24 -0.10 18.48 3.97
CA LYS B 24 -0.33 19.88 3.64
C LYS B 24 -0.78 20.00 2.18
N ARG B 25 -0.20 19.17 1.31
CA ARG B 25 -0.53 19.17 -0.11
C ARG B 25 -1.99 18.77 -0.36
N LEU B 26 -2.52 17.88 0.47
CA LEU B 26 -3.89 17.40 0.31
C LEU B 26 -4.98 18.33 0.84
N THR B 27 -4.58 19.44 1.46
CA THR B 27 -5.54 20.38 2.03
C THR B 27 -6.75 20.73 1.15
N PRO B 28 -6.55 20.97 -0.16
CA PRO B 28 -7.70 21.30 -1.00
C PRO B 28 -8.79 20.23 -1.07
N LEU B 29 -8.47 19.00 -0.65
CA LEU B 29 -9.45 17.91 -0.67
C LEU B 29 -10.28 17.80 0.61
N PHE B 30 -9.81 18.39 1.70
CA PHE B 30 -10.50 18.29 2.98
C PHE B 30 -11.99 18.63 2.96
N GLN B 31 -12.35 19.70 2.26
CA GLN B 31 -13.75 20.14 2.21
C GLN B 31 -14.66 19.25 1.37
N LYS B 32 -14.07 18.33 0.61
CA LYS B 32 -14.85 17.47 -0.26
C LYS B 32 -15.37 16.18 0.37
N SER B 33 -16.31 15.56 -0.32
CA SER B 33 -16.91 14.30 0.12
C SER B 33 -17.11 13.45 -1.12
N PHE B 34 -16.93 12.14 -0.96
CA PHE B 34 -17.06 11.22 -2.08
C PHE B 34 -17.96 10.06 -1.71
N GLU B 35 -18.76 9.60 -2.65
CA GLU B 35 -19.68 8.51 -2.39
C GLU B 35 -19.82 7.61 -3.60
N SER B 36 -20.09 6.33 -3.34
CA SER B 36 -20.28 5.34 -4.39
C SER B 36 -21.06 4.16 -3.84
N THR B 37 -22.10 3.77 -4.55
CA THR B 37 -22.93 2.64 -4.13
C THR B 37 -22.61 1.43 -4.99
N VAL B 38 -22.34 0.30 -4.33
CA VAL B 38 -22.01 -0.94 -5.02
C VAL B 38 -22.62 -2.16 -4.34
N GLY B 39 -22.61 -3.29 -5.06
CA GLY B 39 -23.16 -4.51 -4.49
C GLY B 39 -24.65 -4.74 -4.71
N GLN B 40 -25.08 -5.97 -4.44
CA GLN B 40 -26.48 -6.34 -4.59
C GLN B 40 -27.07 -6.70 -3.23
N SER B 41 -28.34 -6.34 -3.02
CA SER B 41 -29.01 -6.65 -1.77
C SER B 41 -28.92 -8.15 -1.51
N PRO B 42 -28.86 -8.57 -0.25
CA PRO B 42 -28.89 -7.73 0.95
C PRO B 42 -27.50 -7.19 1.31
N ASP B 43 -26.60 -7.17 0.34
CA ASP B 43 -25.25 -6.68 0.58
C ASP B 43 -24.92 -5.44 -0.24
N MET B 44 -25.89 -4.55 -0.40
CA MET B 44 -25.67 -3.31 -1.14
C MET B 44 -25.15 -2.26 -0.17
N TYR B 45 -24.03 -1.64 -0.52
CA TYR B 45 -23.43 -0.64 0.35
C TYR B 45 -23.20 0.70 -0.31
N SER B 46 -23.24 1.75 0.51
CA SER B 46 -22.93 3.09 0.06
C SER B 46 -21.66 3.44 0.83
N TYR B 47 -20.57 3.66 0.10
CA TYR B 47 -19.32 4.02 0.73
C TYR B 47 -19.15 5.53 0.66
N VAL B 48 -18.85 6.15 1.79
CA VAL B 48 -18.64 7.59 1.85
C VAL B 48 -17.22 7.81 2.37
N PHE B 49 -16.47 8.61 1.63
CA PHE B 49 -15.07 8.90 1.94
C PHE B 49 -14.76 10.38 2.01
N ARG B 50 -13.94 10.75 2.98
CA ARG B 50 -13.50 12.14 3.12
C ARG B 50 -12.03 12.11 3.52
N VAL B 51 -11.30 13.14 3.13
CA VAL B 51 -9.88 13.26 3.45
C VAL B 51 -9.70 14.12 4.70
N CYS B 52 -9.28 13.48 5.79
CA CYS B 52 -9.03 14.13 7.06
C CYS B 52 -10.22 14.81 7.72
N ARG B 53 -11.42 14.35 7.39
CA ARG B 53 -12.64 14.92 7.96
C ARG B 53 -13.67 13.81 8.16
N GLU B 54 -14.62 14.06 9.06
CA GLU B 54 -15.67 13.10 9.38
C GLU B 54 -16.58 12.72 8.21
N ALA B 55 -16.62 11.44 7.90
CA ALA B 55 -17.44 10.93 6.80
C ALA B 55 -18.72 10.31 7.34
N GLY B 56 -18.70 9.91 8.61
CA GLY B 56 -19.87 9.31 9.22
C GLY B 56 -20.93 10.31 9.60
N GLN B 57 -22.18 9.86 9.64
CA GLN B 57 -23.30 10.74 9.99
C GLN B 57 -23.37 10.90 11.51
N HIS B 58 -22.30 10.45 12.17
CA HIS B 58 -22.18 10.54 13.63
C HIS B 58 -20.72 10.72 14.01
N SER B 59 -20.47 11.41 15.12
CA SER B 59 -19.12 11.69 15.59
C SER B 59 -18.30 10.47 16.02
N SER B 60 -17.86 9.68 15.06
CA SER B 60 -17.06 8.49 15.37
C SER B 60 -15.61 8.64 14.89
N GLY B 61 -15.34 9.75 14.20
CA GLY B 61 -14.00 9.99 13.69
C GLY B 61 -13.71 9.16 12.46
N ALA B 62 -14.75 8.74 11.76
CA ALA B 62 -14.58 7.92 10.56
C ALA B 62 -14.11 8.72 9.35
N GLY B 63 -13.15 8.16 8.64
CA GLY B 63 -12.64 8.79 7.43
C GLY B 63 -13.33 8.15 6.24
N LEU B 64 -13.80 6.93 6.44
CA LEU B 64 -14.50 6.22 5.38
C LEU B 64 -15.49 5.28 6.04
N VAL B 65 -16.75 5.37 5.61
CA VAL B 65 -17.80 4.53 6.17
C VAL B 65 -18.52 3.70 5.12
N GLN B 66 -19.06 2.58 5.56
CA GLN B 66 -19.81 1.67 4.70
C GLN B 66 -21.22 1.69 5.25
N ILE B 67 -22.17 2.15 4.43
CA ILE B 67 -23.56 2.22 4.85
C ILE B 67 -24.36 1.08 4.25
N GLN B 68 -25.01 0.30 5.12
CA GLN B 68 -25.85 -0.80 4.67
C GLN B 68 -27.14 -0.17 4.15
N LYS B 69 -27.38 -0.31 2.85
CA LYS B 69 -28.56 0.29 2.22
C LYS B 69 -29.90 -0.24 2.72
N SER B 70 -29.92 -1.43 3.29
CA SER B 70 -31.18 -2.01 3.77
C SER B 70 -31.71 -1.36 5.05
N ASN B 71 -30.81 -0.87 5.89
CA ASN B 71 -31.23 -0.25 7.15
C ASN B 71 -30.55 1.09 7.44
N GLY B 72 -29.58 1.47 6.62
CA GLY B 72 -28.89 2.73 6.83
C GLY B 72 -27.85 2.70 7.94
N LYS B 73 -27.56 1.51 8.45
CA LYS B 73 -26.59 1.34 9.52
C LYS B 73 -25.19 1.60 8.99
N GLU B 74 -24.38 2.33 9.76
CA GLU B 74 -23.02 2.66 9.34
C GLU B 74 -21.96 1.81 10.02
N THR B 75 -21.01 1.34 9.21
CA THR B 75 -19.88 0.55 9.70
C THR B 75 -18.64 1.37 9.34
N VAL B 76 -17.78 1.63 10.31
CA VAL B 76 -16.58 2.41 10.06
C VAL B 76 -15.49 1.53 9.45
N VAL B 77 -15.04 1.91 8.27
CA VAL B 77 -14.00 1.16 7.56
C VAL B 77 -12.62 1.63 8.03
N GLY B 78 -12.49 2.93 8.25
CA GLY B 78 -11.23 3.48 8.71
C GLY B 78 -11.40 4.82 9.38
N ARG B 79 -10.53 5.13 10.33
CA ARG B 79 -10.57 6.39 11.06
C ARG B 79 -9.39 7.27 10.70
N PHE B 80 -9.62 8.56 10.47
CA PHE B 80 -8.53 9.44 10.08
C PHE B 80 -7.57 9.80 11.22
N ASN B 81 -7.86 9.30 12.42
CA ASN B 81 -6.99 9.52 13.56
C ASN B 81 -5.84 8.52 13.46
N GLU B 82 -5.92 7.64 12.46
CA GLU B 82 -4.90 6.62 12.18
C GLU B 82 -4.61 6.64 10.68
N THR B 83 -4.02 7.74 10.22
CA THR B 83 -3.72 7.93 8.81
C THR B 83 -2.27 7.68 8.42
N GLN B 84 -2.09 7.10 7.23
CA GLN B 84 -0.78 6.90 6.63
C GLN B 84 -0.94 7.40 5.20
N ILE B 85 0.04 8.15 4.72
CA ILE B 85 -0.01 8.68 3.36
C ILE B 85 1.37 8.74 2.73
N PHE B 86 1.47 8.28 1.48
CA PHE B 86 2.74 8.34 0.78
C PHE B 86 2.52 8.46 -0.71
N GLN B 87 3.53 8.93 -1.42
CA GLN B 87 3.35 9.11 -2.85
C GLN B 87 4.46 8.60 -3.72
N GLY B 88 4.09 8.33 -4.96
CA GLY B 88 5.03 7.88 -5.98
C GLY B 88 5.04 8.91 -7.08
N SER B 89 5.50 8.52 -8.26
CA SER B 89 5.59 9.45 -9.38
C SER B 89 4.28 10.02 -9.92
N ASN B 90 3.22 9.23 -9.91
CA ASN B 90 1.93 9.70 -10.43
C ASN B 90 0.76 9.13 -9.63
N TRP B 91 0.99 8.88 -8.35
CA TRP B 91 -0.04 8.35 -7.48
C TRP B 91 0.24 8.67 -6.03
N ILE B 92 -0.81 8.59 -5.22
CA ILE B 92 -0.74 8.83 -3.78
C ILE B 92 -1.57 7.73 -3.13
N MET B 93 -1.03 7.12 -2.08
CA MET B 93 -1.75 6.08 -1.36
C MET B 93 -2.13 6.63 0.02
N LEU B 94 -3.41 6.51 0.36
CA LEU B 94 -3.90 6.95 1.66
C LEU B 94 -4.49 5.74 2.35
N ILE B 95 -4.13 5.56 3.63
CA ILE B 95 -4.62 4.43 4.39
C ILE B 95 -5.18 4.89 5.73
N TYR B 96 -6.40 4.45 6.04
CA TYR B 96 -7.04 4.75 7.31
C TYR B 96 -7.19 3.43 8.06
N LYS B 97 -6.56 3.31 9.22
CA LYS B 97 -6.68 2.11 10.03
C LYS B 97 -7.67 2.42 11.15
N GLY B 98 -7.84 1.48 12.08
CA GLY B 98 -8.74 1.72 13.19
C GLY B 98 -10.23 1.64 12.93
N GLY B 99 -10.63 0.92 11.88
CA GLY B 99 -12.05 0.79 11.59
C GLY B 99 -12.70 -0.18 12.57
N ASP B 100 -14.00 -0.37 12.43
CA ASP B 100 -14.70 -1.30 13.32
C ASP B 100 -14.15 -2.71 13.11
N GLU B 101 -14.07 -3.46 14.20
CA GLU B 101 -13.55 -4.82 14.15
C GLU B 101 -14.45 -5.79 13.40
N TYR B 102 -13.85 -6.71 12.67
CA TYR B 102 -14.59 -7.75 11.98
C TYR B 102 -15.08 -8.63 13.14
N ASP B 103 -16.22 -9.29 12.97
CA ASP B 103 -16.72 -10.15 14.03
C ASP B 103 -16.37 -11.61 13.77
N ASN B 104 -16.18 -11.97 12.50
CA ASN B 104 -15.89 -13.36 12.14
C ASN B 104 -14.82 -13.55 11.06
N HIS B 105 -14.09 -12.49 10.72
CA HIS B 105 -13.03 -12.60 9.71
C HIS B 105 -11.75 -11.96 10.20
N CYS B 106 -10.66 -12.30 9.53
CA CYS B 106 -9.34 -11.71 9.80
C CYS B 106 -8.91 -11.65 11.27
N GLY B 107 -9.24 -12.68 12.03
CA GLY B 107 -8.87 -12.68 13.44
C GLY B 107 -9.48 -11.52 14.19
N ARG B 108 -10.63 -11.04 13.70
CA ARG B 108 -11.35 -9.94 14.32
C ARG B 108 -10.57 -8.63 14.38
N GLU B 109 -9.67 -8.41 13.43
CA GLU B 109 -8.89 -7.18 13.43
C GLU B 109 -9.76 -6.02 12.97
N GLN B 110 -9.30 -4.81 13.28
CA GLN B 110 -10.01 -3.60 12.90
C GLN B 110 -9.96 -3.45 11.39
N ARG B 111 -11.05 -2.99 10.80
CA ARG B 111 -11.11 -2.78 9.37
C ARG B 111 -10.11 -1.70 8.97
N ARG B 112 -9.79 -1.67 7.69
CA ARG B 112 -8.84 -0.69 7.17
C ARG B 112 -9.25 -0.28 5.76
N ALA B 113 -9.06 0.99 5.44
CA ALA B 113 -9.37 1.52 4.11
C ALA B 113 -8.07 1.90 3.41
N VAL B 114 -7.92 1.43 2.18
CA VAL B 114 -6.75 1.74 1.36
C VAL B 114 -7.29 2.46 0.12
N VAL B 115 -6.83 3.69 -0.10
CA VAL B 115 -7.28 4.47 -1.24
C VAL B 115 -6.11 4.82 -2.15
N MET B 116 -6.20 4.36 -3.40
CA MET B 116 -5.18 4.62 -4.40
C MET B 116 -5.65 5.80 -5.23
N ILE B 117 -4.95 6.93 -5.10
CA ILE B 117 -5.29 8.14 -5.84
C ILE B 117 -4.35 8.28 -7.03
N SER B 118 -4.90 8.21 -8.24
CA SER B 118 -4.10 8.31 -9.46
C SER B 118 -4.15 9.71 -10.06
N CYS B 119 -3.07 10.09 -10.72
CA CYS B 119 -3.00 11.40 -11.34
C CYS B 119 -4.01 11.54 -12.48
N ASN B 120 -4.68 12.69 -12.48
CA ASN B 120 -5.61 13.07 -13.53
C ASN B 120 -5.51 14.59 -13.55
N ARG B 121 -4.95 15.13 -14.62
CA ARG B 121 -4.74 16.56 -14.74
C ARG B 121 -6.01 17.37 -14.99
N HIS B 122 -7.13 16.68 -15.23
CA HIS B 122 -8.41 17.32 -15.53
C HIS B 122 -9.35 17.55 -14.37
N THR B 123 -8.99 17.11 -13.18
CA THR B 123 -9.89 17.27 -12.04
C THR B 123 -9.13 17.33 -10.73
N LEU B 124 -9.70 18.01 -9.74
CA LEU B 124 -9.07 18.08 -8.43
C LEU B 124 -9.37 16.76 -7.71
N ALA B 125 -10.51 16.15 -8.03
CA ALA B 125 -10.89 14.89 -7.42
C ALA B 125 -12.19 14.37 -8.05
N ASP B 126 -12.15 13.14 -8.53
CA ASP B 126 -13.33 12.56 -9.13
C ASP B 126 -13.15 11.05 -9.25
N ASN B 127 -14.22 10.39 -9.67
CA ASN B 127 -14.22 8.95 -9.90
C ASN B 127 -13.86 8.06 -8.72
N PHE B 128 -14.38 8.39 -7.54
CA PHE B 128 -14.16 7.56 -6.35
C PHE B 128 -14.88 6.24 -6.63
N ASN B 129 -14.16 5.14 -6.53
CA ASN B 129 -14.71 3.83 -6.84
C ASN B 129 -14.21 2.70 -5.96
N PRO B 130 -15.14 1.97 -5.32
CA PRO B 130 -14.73 0.85 -4.47
C PRO B 130 -14.21 -0.22 -5.43
N VAL B 131 -13.08 -0.82 -5.11
CA VAL B 131 -12.50 -1.83 -5.98
C VAL B 131 -12.74 -3.25 -5.48
N SER B 132 -12.41 -3.50 -4.21
CA SER B 132 -12.58 -4.83 -3.65
C SER B 132 -12.36 -4.84 -2.15
N GLU B 133 -12.74 -5.95 -1.54
CA GLU B 133 -12.53 -6.15 -0.10
C GLU B 133 -11.82 -7.47 0.07
N GLU B 134 -10.70 -7.42 0.78
CA GLU B 134 -9.93 -8.62 1.08
C GLU B 134 -10.22 -8.94 2.54
N ARG B 135 -10.98 -10.00 2.78
CA ARG B 135 -11.34 -10.41 4.13
C ARG B 135 -11.04 -11.89 4.32
N GLY B 136 -10.22 -12.45 3.43
CA GLY B 136 -9.89 -13.87 3.52
C GLY B 136 -8.52 -14.22 4.06
N LYS B 137 -7.86 -13.26 4.69
CA LYS B 137 -6.53 -13.50 5.25
C LYS B 137 -6.60 -13.54 6.77
N VAL B 138 -5.55 -14.07 7.40
CA VAL B 138 -5.51 -14.15 8.85
C VAL B 138 -5.14 -12.80 9.46
N GLN B 139 -4.61 -11.91 8.62
CA GLN B 139 -4.22 -10.58 9.06
C GLN B 139 -4.01 -9.71 7.83
N ASP B 140 -3.93 -8.40 8.04
CA ASP B 140 -3.71 -7.45 6.96
C ASP B 140 -4.81 -7.46 5.90
N CYS B 141 -6.04 -7.49 6.37
CA CYS B 141 -7.19 -7.44 5.48
C CYS B 141 -7.43 -5.97 5.20
N PHE B 142 -8.23 -5.67 4.17
CA PHE B 142 -8.49 -4.27 3.83
C PHE B 142 -9.51 -4.09 2.73
N TYR B 143 -10.08 -2.89 2.69
CA TYR B 143 -11.02 -2.50 1.63
C TYR B 143 -10.19 -1.59 0.72
N LEU B 144 -10.25 -1.83 -0.58
CA LEU B 144 -9.49 -1.03 -1.55
C LEU B 144 -10.40 -0.14 -2.39
N PHE B 145 -9.98 1.12 -2.56
CA PHE B 145 -10.72 2.11 -3.33
C PHE B 145 -9.76 2.86 -4.24
N GLU B 146 -10.31 3.43 -5.31
CA GLU B 146 -9.51 4.23 -6.24
C GLU B 146 -10.21 5.56 -6.49
N MET B 147 -9.43 6.56 -6.88
CA MET B 147 -9.98 7.88 -7.18
C MET B 147 -8.92 8.64 -7.99
N ASP B 148 -9.37 9.66 -8.71
CA ASP B 148 -8.49 10.51 -9.52
C ASP B 148 -8.29 11.88 -8.88
N SER B 149 -7.11 12.46 -9.05
CA SER B 149 -6.83 13.78 -8.51
C SER B 149 -5.60 14.41 -9.15
N SER B 150 -5.69 15.69 -9.49
CA SER B 150 -4.54 16.37 -10.09
C SER B 150 -3.43 16.52 -9.05
N LEU B 151 -3.76 16.36 -7.76
CA LEU B 151 -2.76 16.46 -6.70
C LEU B 151 -1.77 15.30 -6.74
N ALA B 152 -2.15 14.21 -7.42
CA ALA B 152 -1.27 13.05 -7.51
C ALA B 152 -0.35 13.14 -8.72
N CYS B 153 -0.45 14.24 -9.45
CA CYS B 153 0.39 14.44 -10.63
C CYS B 153 1.72 15.07 -10.27
N SER B 154 2.78 14.61 -10.94
CA SER B 154 4.12 15.14 -10.71
C SER B 154 4.59 15.85 -11.97
C1 NAG C . 11.55 -15.54 7.02
C2 NAG C . 10.92 -15.99 8.35
C3 NAG C . 11.70 -15.39 9.53
C4 NAG C . 13.19 -15.71 9.40
C5 NAG C . 13.69 -15.26 8.03
C6 NAG C . 15.16 -15.60 7.80
C7 NAG C . 8.58 -16.48 8.21
C8 NAG C . 7.55 -16.17 7.13
N2 NAG C . 9.53 -15.59 8.42
O3 NAG C . 11.20 -15.94 10.74
O4 NAG C . 13.92 -15.04 10.42
O5 NAG C . 12.94 -15.89 6.99
O6 NAG C . 15.38 -16.99 7.97
O7 NAG C . 8.50 -17.53 8.84
MN MN D . 22.29 -0.22 10.92
C1 M6D E . 22.13 2.29 5.85
C2 M6D E . 21.12 2.08 4.69
C3 M6D E . 20.01 3.18 4.80
C4 M6D E . 19.30 3.08 6.17
C5 M6D E . 20.38 3.30 7.27
C6 M6D E . 19.79 3.17 8.67
O1 M6D E . 23.09 1.26 5.85
O2 M6D E . 20.53 0.78 4.81
O3 M6D E . 19.05 2.99 3.76
O4 M6D E . 18.29 4.09 6.26
O5 M6D E . 21.43 2.28 7.14
O6 M6D E . 20.73 3.40 9.73
P M6D E . 20.59 2.77 11.17
O1P M6D E . 19.30 3.21 11.82
O2P M6D E . 21.74 3.23 12.06
O3P M6D E . 20.63 1.28 11.08
C1 NAG F . -8.47 6.27 16.67
C2 NAG F . -7.46 6.12 17.82
C3 NAG F . -8.02 5.11 18.81
C4 NAG F . -9.45 5.45 19.25
C5 NAG F . -10.35 5.76 18.05
C6 NAG F . -11.70 6.32 18.45
C7 NAG F . -5.05 6.25 17.75
C8 NAG F . -4.08 6.76 16.71
N2 NAG F . -6.18 5.68 17.31
O3 NAG F . -7.17 5.03 19.95
O4 NAG F . -10.00 4.37 19.98
O5 NAG F . -9.72 6.75 17.18
O6 NAG F . -11.70 6.79 19.78
O7 NAG F . -4.80 6.38 18.94
MN MN G . -20.12 -8.03 11.77
C1 M6D H . -20.53 -6.73 6.57
C2 M6D H . -19.69 -5.76 5.68
C3 M6D H . -18.63 -6.57 4.90
C4 M6D H . -17.73 -7.35 5.89
C5 M6D H . -18.63 -8.30 6.74
C6 M6D H . -17.79 -9.07 7.77
O1 M6D H . -21.44 -6.01 7.38
O2 M6D H . -19.03 -4.79 6.52
O3 M6D H . -17.83 -5.71 4.12
O4 M6D H . -16.76 -8.11 5.15
O5 M6D H . -19.64 -7.51 7.45
O6 M6D H . -18.53 -9.98 8.59
P M6D H . -18.19 -10.24 10.12
O1P M6D H . -16.78 -10.77 10.26
O2P M6D H . -19.12 -11.28 10.71
O3P M6D H . -18.30 -8.97 10.92
#